data_3FPP
#
_entry.id   3FPP
#
_cell.length_a   128.517
_cell.length_b   128.517
_cell.length_c   110.311
_cell.angle_alpha   90.00
_cell.angle_beta   90.00
_cell.angle_gamma   120.00
#
_symmetry.space_group_name_H-M   'P 3 2 1'
#
_entity_poly.entity_id   1
_entity_poly.type   'polypeptide(L)'
_entity_poly.pdbx_seq_one_letter_code
;APVPTYQTLIVRPGDLQQSVLATGKLDALRKVDVGAQVSGQLKTLSVAIGDKVKKDQLLGVIDPEQAENQIKEVEATLME
LRAQRQQAEAELKLARVTYSRQQRLAQTQAVSQQDLDNAATEMAVKQAQIGTIDAQIKRNQASLDTAKTNLDYTRIVAPM
AGEVTQITTLQGQTVIAAQQAPNILTLADMSAMLVKAQVSEADVIHLKPGQKAWFTVLGDQLTRYEGQIKDVLPTPEKVN
DAIFYYARFEVPNPNGLLRLDMTAQVHIQLTDVKNVLTIPLSALGDPVGDNRYKVKLLRNGETREREVTIGARNDTDVEI
VKGLEAGDEVVIGEAKPGAAQ
;
_entity_poly.pdbx_strand_id   A,B
#
# COMPACT_ATOMS: atom_id res chain seq x y z
N PRO A 13 -14.28 1.40 -66.29
CA PRO A 13 -14.68 1.44 -64.86
C PRO A 13 -14.38 0.16 -64.09
N GLY A 14 -13.14 0.04 -63.63
CA GLY A 14 -12.70 -1.13 -62.88
C GLY A 14 -12.52 -0.87 -61.39
N ASP A 15 -11.77 -1.73 -60.71
CA ASP A 15 -11.54 -1.62 -59.26
C ASP A 15 -10.09 -1.44 -58.82
N LEU A 16 -9.92 -0.98 -57.59
CA LEU A 16 -8.61 -0.81 -56.96
C LEU A 16 -8.78 -0.54 -55.47
N GLN A 17 -8.17 -1.39 -54.66
CA GLN A 17 -8.21 -1.31 -53.22
C GLN A 17 -7.04 -2.15 -52.69
N GLN A 18 -6.54 -1.83 -51.49
CA GLN A 18 -5.45 -2.61 -50.95
C GLN A 18 -5.55 -2.86 -49.45
N SER A 19 -5.13 -4.06 -49.04
CA SER A 19 -5.14 -4.47 -47.64
C SER A 19 -3.70 -4.53 -47.17
N VAL A 20 -3.50 -4.43 -45.87
CA VAL A 20 -2.16 -4.51 -45.32
C VAL A 20 -2.16 -5.50 -44.18
N LEU A 21 -1.35 -6.55 -44.29
CA LEU A 21 -1.29 -7.49 -43.18
C LEU A 21 -0.23 -6.95 -42.25
N ALA A 22 -0.42 -7.22 -40.97
CA ALA A 22 0.51 -6.78 -39.95
C ALA A 22 0.44 -7.75 -38.79
N THR A 23 1.48 -7.75 -37.97
CA THR A 23 1.50 -8.58 -36.78
C THR A 23 1.04 -7.63 -35.72
N GLY A 24 0.08 -8.03 -34.91
CA GLY A 24 -0.42 -7.17 -33.87
C GLY A 24 -0.21 -7.73 -32.48
N LYS A 25 -0.49 -6.95 -31.46
CA LYS A 25 -0.35 -7.40 -30.08
C LYS A 25 -1.64 -7.09 -29.33
N LEU A 26 -2.13 -8.05 -28.56
CA LEU A 26 -3.35 -7.85 -27.78
C LEU A 26 -3.00 -7.27 -26.42
N ASP A 27 -3.71 -6.24 -25.99
CA ASP A 27 -3.46 -5.67 -24.68
C ASP A 27 -4.74 -5.35 -23.92
N ALA A 28 -4.61 -5.22 -22.59
CA ALA A 28 -5.72 -4.93 -21.71
C ALA A 28 -6.19 -3.49 -21.89
N LEU A 29 -7.49 -3.25 -21.71
CA LEU A 29 -8.06 -1.91 -21.85
C LEU A 29 -7.41 -0.92 -20.88
N ARG A 30 -7.53 -1.17 -19.58
CA ARG A 30 -6.92 -0.29 -18.58
C ARG A 30 -5.97 -1.15 -17.75
N LYS A 31 -4.70 -0.74 -17.65
CA LYS A 31 -3.67 -1.48 -16.90
C LYS A 31 -2.95 -0.54 -15.95
N VAL A 32 -3.06 -0.81 -14.65
CA VAL A 32 -2.44 0.05 -13.61
C VAL A 32 -1.46 -0.72 -12.74
N ASP A 33 -0.51 0.00 -12.14
CA ASP A 33 0.47 -0.60 -11.22
C ASP A 33 0.38 0.15 -9.88
N VAL A 34 -0.33 -0.44 -8.93
CA VAL A 34 -0.54 0.17 -7.62
C VAL A 34 0.73 0.52 -6.88
N GLY A 35 0.70 1.69 -6.24
CA GLY A 35 1.86 2.12 -5.49
C GLY A 35 1.58 2.48 -4.05
N ALA A 36 2.66 2.62 -3.29
CA ALA A 36 2.57 2.98 -1.90
C ALA A 36 3.29 4.32 -1.85
N GLN A 37 2.80 5.20 -0.98
CA GLN A 37 3.39 6.54 -0.77
C GLN A 37 4.00 6.52 0.62
N VAL A 38 3.96 5.36 1.27
CA VAL A 38 4.50 5.23 2.61
C VAL A 38 5.56 4.14 2.70
N SER A 39 6.43 4.24 3.70
CA SER A 39 7.45 3.22 3.88
C SER A 39 7.13 2.30 5.07
N GLY A 40 7.89 1.22 5.19
CA GLY A 40 7.63 0.26 6.25
C GLY A 40 7.43 -1.13 5.67
N GLN A 41 7.02 -2.09 6.50
CA GLN A 41 6.82 -3.44 6.01
C GLN A 41 5.38 -3.69 5.59
N LEU A 42 5.23 -4.35 4.46
CA LEU A 42 3.91 -4.67 3.94
C LEU A 42 3.35 -5.83 4.76
N LYS A 43 2.57 -5.50 5.79
CA LYS A 43 1.99 -6.49 6.69
C LYS A 43 1.06 -7.46 5.98
N THR A 44 -0.01 -6.96 5.40
CA THR A 44 -0.91 -7.87 4.73
C THR A 44 -1.32 -7.49 3.32
N LEU A 45 -1.28 -8.49 2.45
CA LEU A 45 -1.68 -8.34 1.05
C LEU A 45 -2.88 -9.28 1.00
N SER A 46 -3.93 -8.91 0.27
CA SER A 46 -5.10 -9.76 0.21
C SER A 46 -5.54 -10.19 -1.17
N VAL A 47 -4.58 -10.48 -2.03
CA VAL A 47 -4.87 -10.94 -3.37
C VAL A 47 -3.64 -11.66 -3.92
N ALA A 48 -3.89 -12.50 -4.93
CA ALA A 48 -2.84 -13.23 -5.62
C ALA A 48 -3.26 -12.95 -7.05
N ILE A 49 -2.44 -13.33 -8.01
CA ILE A 49 -2.82 -13.08 -9.39
C ILE A 49 -4.03 -13.95 -9.72
N GLY A 50 -5.05 -13.35 -10.35
CA GLY A 50 -6.25 -14.10 -10.68
C GLY A 50 -7.48 -13.63 -9.90
N ASP A 51 -7.24 -12.88 -8.83
CA ASP A 51 -8.31 -12.32 -8.02
C ASP A 51 -8.81 -11.11 -8.76
N LYS A 52 -10.12 -11.01 -8.90
CA LYS A 52 -10.72 -9.87 -9.58
C LYS A 52 -11.19 -8.92 -8.47
N VAL A 53 -10.80 -7.64 -8.56
CA VAL A 53 -11.14 -6.65 -7.54
C VAL A 53 -12.03 -5.51 -8.01
N LYS A 54 -12.82 -4.95 -7.09
CA LYS A 54 -13.73 -3.82 -7.37
C LYS A 54 -12.93 -2.55 -7.15
N LYS A 55 -13.39 -1.44 -7.73
CA LYS A 55 -12.70 -0.19 -7.55
C LYS A 55 -12.90 0.31 -6.12
N ASP A 56 -11.78 0.47 -5.41
CA ASP A 56 -11.74 0.93 -4.02
C ASP A 56 -11.79 -0.21 -3.03
N GLN A 57 -11.37 -1.39 -3.48
CA GLN A 57 -11.36 -2.55 -2.61
C GLN A 57 -9.98 -2.53 -1.95
N LEU A 58 -9.92 -2.64 -0.63
CA LEU A 58 -8.63 -2.62 0.07
C LEU A 58 -7.72 -3.75 -0.41
N LEU A 59 -6.72 -3.42 -1.24
CA LEU A 59 -5.78 -4.41 -1.80
C LEU A 59 -4.65 -4.87 -0.87
N GLY A 60 -4.32 -4.07 0.14
CA GLY A 60 -3.24 -4.44 1.06
C GLY A 60 -2.90 -3.32 2.01
N VAL A 61 -2.25 -3.66 3.13
CA VAL A 61 -1.89 -2.66 4.15
C VAL A 61 -0.41 -2.71 4.59
N ILE A 62 0.22 -1.55 4.64
CA ILE A 62 1.61 -1.46 5.06
C ILE A 62 1.55 -1.07 6.54
N ASP A 63 2.54 -1.49 7.33
CA ASP A 63 2.63 -1.21 8.79
C ASP A 63 2.21 0.21 9.23
N PRO A 64 0.93 0.37 9.66
CA PRO A 64 0.33 1.62 10.11
C PRO A 64 0.74 2.14 11.48
N GLU A 65 0.95 1.21 12.41
CA GLU A 65 1.33 1.46 13.81
C GLU A 65 2.09 2.71 14.22
N GLN A 66 2.99 3.18 13.37
CA GLN A 66 3.77 4.36 13.70
C GLN A 66 2.99 5.57 13.23
N ALA A 67 2.20 5.40 12.19
CA ALA A 67 1.38 6.48 11.66
C ALA A 67 0.16 6.62 12.57
N GLU A 68 0.02 5.65 13.47
CA GLU A 68 -1.07 5.63 14.44
C GLU A 68 -0.62 6.39 15.68
N ASN A 69 0.62 6.17 16.06
CA ASN A 69 1.20 6.84 17.21
C ASN A 69 1.21 8.33 16.84
N GLN A 70 1.38 8.62 15.55
CA GLN A 70 1.40 9.98 15.08
C GLN A 70 0.06 10.64 15.33
N ILE A 71 -0.97 9.84 15.62
CA ILE A 71 -2.29 10.39 15.90
C ILE A 71 -2.39 10.57 17.41
N LYS A 72 -2.09 9.52 18.18
CA LYS A 72 -2.15 9.63 19.65
C LYS A 72 -1.50 10.96 19.99
N GLU A 73 -0.28 11.12 19.50
CA GLU A 73 0.52 12.31 19.70
C GLU A 73 -0.23 13.59 19.46
N VAL A 74 -1.09 13.62 18.44
CA VAL A 74 -1.86 14.82 18.10
C VAL A 74 -3.13 15.04 18.95
N GLU A 75 -4.04 14.06 18.96
CA GLU A 75 -5.25 14.17 19.77
C GLU A 75 -4.89 14.66 21.19
N ALA A 76 -3.79 14.14 21.72
CA ALA A 76 -3.33 14.51 23.05
C ALA A 76 -3.04 16.01 23.07
N THR A 77 -2.47 16.51 21.99
CA THR A 77 -2.18 17.93 21.87
C THR A 77 -3.50 18.69 21.78
N LEU A 78 -4.56 17.98 21.38
CA LEU A 78 -5.88 18.57 21.22
C LEU A 78 -6.64 18.61 22.54
N MET A 79 -6.14 17.90 23.55
CA MET A 79 -6.79 17.91 24.84
C MET A 79 -6.08 18.96 25.68
N GLU A 80 -4.83 19.24 25.31
CA GLU A 80 -4.04 20.23 26.02
C GLU A 80 -4.69 21.61 25.87
N LEU A 81 -4.96 22.02 24.62
CA LEU A 81 -5.59 23.30 24.34
C LEU A 81 -7.03 23.30 24.85
N ARG A 82 -7.57 22.10 24.99
CA ARG A 82 -8.93 21.88 25.45
C ARG A 82 -9.13 22.21 26.93
N ALA A 83 -8.04 22.16 27.70
CA ALA A 83 -8.09 22.47 29.13
C ALA A 83 -7.57 23.88 29.32
N GLN A 84 -7.05 24.46 28.25
CA GLN A 84 -6.54 25.80 28.29
C GLN A 84 -7.74 26.72 28.11
N ARG A 85 -8.55 26.46 27.09
CA ARG A 85 -9.72 27.30 26.89
C ARG A 85 -10.44 27.31 28.24
N GLN A 86 -10.46 26.14 28.90
CA GLN A 86 -11.09 25.98 30.21
C GLN A 86 -10.42 26.78 31.32
N GLN A 87 -9.36 27.49 30.94
CA GLN A 87 -8.61 28.33 31.87
C GLN A 87 -8.85 29.77 31.40
N ALA A 88 -9.25 29.90 30.14
CA ALA A 88 -9.52 31.19 29.57
C ALA A 88 -10.93 31.59 29.97
N GLU A 89 -11.83 30.63 29.95
CA GLU A 89 -13.21 30.92 30.29
C GLU A 89 -13.46 31.05 31.78
N ALA A 90 -12.46 30.74 32.58
CA ALA A 90 -12.56 30.87 34.04
C ALA A 90 -12.15 32.31 34.31
N GLU A 91 -11.12 32.75 33.60
CA GLU A 91 -10.66 34.11 33.74
C GLU A 91 -11.84 34.91 33.21
N LEU A 92 -12.39 34.52 32.07
CA LEU A 92 -13.51 35.28 31.54
C LEU A 92 -14.68 35.38 32.52
N LYS A 93 -15.05 34.29 33.17
CA LYS A 93 -16.17 34.35 34.11
C LYS A 93 -15.89 35.32 35.26
N LEU A 94 -14.65 35.36 35.71
CA LEU A 94 -14.27 36.26 36.80
C LEU A 94 -14.22 37.72 36.34
N ALA A 95 -13.45 37.98 35.29
CA ALA A 95 -13.29 39.34 34.78
C ALA A 95 -14.55 39.94 34.20
N ARG A 96 -15.64 39.17 34.19
CA ARG A 96 -16.91 39.64 33.64
C ARG A 96 -17.94 39.95 34.73
N VAL A 97 -17.68 39.48 35.93
CA VAL A 97 -18.58 39.76 37.03
C VAL A 97 -17.99 41.04 37.61
N THR A 98 -16.69 41.00 37.91
CA THR A 98 -16.02 42.15 38.48
C THR A 98 -16.44 43.37 37.68
N TYR A 99 -16.75 43.14 36.41
CA TYR A 99 -17.18 44.24 35.55
C TYR A 99 -18.49 44.81 36.04
N SER A 100 -19.56 44.05 35.87
CA SER A 100 -20.88 44.49 36.30
C SER A 100 -20.83 45.02 37.72
N ARG A 101 -20.40 44.16 38.65
CA ARG A 101 -20.34 44.55 40.03
C ARG A 101 -19.85 45.99 40.20
N GLN A 102 -18.95 46.42 39.32
CA GLN A 102 -18.44 47.78 39.39
C GLN A 102 -19.18 48.67 38.42
N GLN A 103 -19.79 48.05 37.42
CA GLN A 103 -20.57 48.84 36.47
C GLN A 103 -21.70 49.40 37.33
N ARG A 104 -22.09 48.63 38.33
CA ARG A 104 -23.17 49.02 39.23
C ARG A 104 -22.70 49.99 40.30
N LEU A 105 -21.60 49.66 40.97
CA LEU A 105 -21.10 50.57 41.99
C LEU A 105 -20.60 51.83 41.29
N ALA A 106 -20.98 51.98 40.01
CA ALA A 106 -20.55 53.12 39.22
C ALA A 106 -21.51 54.30 39.35
N GLN A 107 -22.79 54.07 39.09
CA GLN A 107 -23.81 55.12 39.19
C GLN A 107 -24.07 55.43 40.67
N THR A 108 -23.39 54.68 41.55
CA THR A 108 -23.52 54.84 43.00
C THR A 108 -22.22 55.42 43.56
N GLN A 109 -21.26 55.70 42.68
CA GLN A 109 -19.96 56.22 43.09
C GLN A 109 -19.37 55.16 44.01
N ALA A 110 -18.29 54.54 43.55
CA ALA A 110 -17.62 53.51 44.32
C ALA A 110 -16.51 52.95 43.46
N VAL A 111 -16.44 53.48 42.23
CA VAL A 111 -15.45 53.05 41.27
C VAL A 111 -15.02 54.19 40.34
N SER A 112 -15.96 55.11 40.06
CA SER A 112 -15.71 56.26 39.17
C SER A 112 -15.64 55.78 37.72
N GLN A 113 -14.61 56.17 36.99
CA GLN A 113 -14.45 55.74 35.62
C GLN A 113 -13.20 54.88 35.47
N GLN A 114 -12.04 55.46 35.79
CA GLN A 114 -10.76 54.75 35.70
C GLN A 114 -10.93 53.28 35.90
N ASP A 115 -11.05 52.89 37.17
CA ASP A 115 -11.21 51.50 37.54
C ASP A 115 -12.17 50.78 36.57
N LEU A 116 -13.31 51.39 36.30
CA LEU A 116 -14.29 50.81 35.39
C LEU A 116 -13.67 50.62 34.02
N ASP A 117 -12.93 51.61 33.57
CA ASP A 117 -12.30 51.54 32.26
C ASP A 117 -11.21 50.47 32.21
N ASN A 118 -10.56 50.21 33.34
CA ASN A 118 -9.54 49.17 33.32
C ASN A 118 -10.22 47.80 33.46
N ALA A 119 -11.45 47.79 33.99
CA ALA A 119 -12.21 46.55 34.17
C ALA A 119 -12.86 46.06 32.91
N ALA A 120 -13.33 46.98 32.07
CA ALA A 120 -13.97 46.59 30.82
C ALA A 120 -12.90 46.12 29.81
N THR A 121 -11.73 46.76 29.87
CA THR A 121 -10.63 46.41 28.97
C THR A 121 -10.05 45.03 29.26
N GLU A 122 -10.16 44.56 30.49
CA GLU A 122 -9.69 43.21 30.77
C GLU A 122 -10.79 42.36 30.13
N MET A 123 -12.03 42.70 30.49
CA MET A 123 -13.23 42.04 29.99
C MET A 123 -13.09 41.68 28.51
N ALA A 124 -12.45 42.58 27.76
CA ALA A 124 -12.23 42.40 26.32
C ALA A 124 -11.06 41.48 25.97
N VAL A 125 -9.98 41.60 26.74
CA VAL A 125 -8.80 40.76 26.53
C VAL A 125 -9.18 39.32 26.80
N LYS A 126 -9.95 39.10 27.86
CA LYS A 126 -10.42 37.76 28.25
C LYS A 126 -11.30 37.19 27.15
N GLN A 127 -11.93 38.08 26.40
CA GLN A 127 -12.80 37.69 25.31
C GLN A 127 -11.89 37.26 24.18
N ALA A 128 -10.91 38.10 23.86
CA ALA A 128 -9.96 37.82 22.79
C ALA A 128 -9.05 36.67 23.23
N GLN A 129 -9.30 36.19 24.45
CA GLN A 129 -8.52 35.10 25.00
C GLN A 129 -9.04 33.73 24.54
N ILE A 130 -10.31 33.43 24.77
CA ILE A 130 -10.84 32.14 24.31
C ILE A 130 -10.73 32.07 22.78
N GLY A 131 -10.56 33.24 22.16
CA GLY A 131 -10.45 33.31 20.71
C GLY A 131 -9.09 32.85 20.22
N THR A 132 -8.06 33.27 20.94
CA THR A 132 -6.70 32.88 20.61
C THR A 132 -6.69 31.36 20.67
N ILE A 133 -6.91 30.81 21.87
CA ILE A 133 -6.93 29.35 22.06
C ILE A 133 -7.81 28.61 21.05
N ASP A 134 -9.04 29.07 20.86
CA ASP A 134 -9.95 28.41 19.93
C ASP A 134 -9.38 28.25 18.53
N ALA A 135 -8.71 29.28 18.03
CA ALA A 135 -8.13 29.21 16.69
C ALA A 135 -7.07 28.10 16.69
N GLN A 136 -6.48 27.87 17.85
CA GLN A 136 -5.47 26.85 18.02
C GLN A 136 -6.15 25.50 18.11
N ILE A 137 -7.27 25.46 18.81
CA ILE A 137 -8.05 24.24 18.93
C ILE A 137 -8.56 23.91 17.53
N LYS A 138 -8.60 24.92 16.66
CA LYS A 138 -9.06 24.74 15.29
C LYS A 138 -7.92 24.34 14.35
N ARG A 139 -6.76 24.97 14.51
CA ARG A 139 -5.60 24.69 13.68
C ARG A 139 -5.24 23.22 13.79
N ASN A 140 -5.33 22.72 15.01
CA ASN A 140 -4.99 21.33 15.25
C ASN A 140 -6.03 20.35 14.75
N GLN A 141 -7.24 20.83 14.47
CA GLN A 141 -8.23 19.90 13.95
C GLN A 141 -7.66 19.51 12.59
N ALA A 142 -6.91 20.44 12.00
CA ALA A 142 -6.30 20.27 10.69
C ALA A 142 -4.88 19.72 10.74
N SER A 143 -4.41 19.41 11.94
CA SER A 143 -3.10 18.82 12.08
C SER A 143 -3.38 17.34 12.36
N LEU A 144 -4.58 17.06 12.88
CA LEU A 144 -5.03 15.70 13.18
C LEU A 144 -5.46 15.09 11.83
N ASP A 145 -6.20 15.86 11.04
CA ASP A 145 -6.66 15.42 9.73
C ASP A 145 -5.47 15.07 8.84
N THR A 146 -4.52 15.98 8.75
CA THR A 146 -3.35 15.77 7.93
C THR A 146 -2.52 14.60 8.44
N ALA A 147 -2.61 14.32 9.74
CA ALA A 147 -1.86 13.20 10.32
C ALA A 147 -2.70 11.92 10.26
N LYS A 148 -3.92 12.05 9.75
CA LYS A 148 -4.84 10.95 9.61
C LYS A 148 -4.87 10.45 8.18
N THR A 149 -4.84 11.37 7.22
CA THR A 149 -4.87 10.97 5.82
C THR A 149 -3.56 10.32 5.42
N ASN A 150 -2.73 10.03 6.41
CA ASN A 150 -1.46 9.35 6.18
C ASN A 150 -1.71 7.93 6.61
N LEU A 151 -2.64 7.77 7.54
CA LEU A 151 -3.01 6.45 8.00
C LEU A 151 -4.00 5.96 6.95
N ASP A 152 -4.39 6.87 6.07
CA ASP A 152 -5.29 6.53 4.95
C ASP A 152 -4.33 6.20 3.82
N TYR A 153 -3.05 6.27 4.15
CA TYR A 153 -2.02 5.99 3.18
C TYR A 153 -1.38 4.66 3.47
N THR A 154 -1.79 4.00 4.54
CA THR A 154 -1.23 2.71 4.86
C THR A 154 -2.11 1.66 4.24
N ARG A 155 -3.30 2.09 3.77
CA ARG A 155 -4.29 1.20 3.13
C ARG A 155 -4.15 1.26 1.59
N ILE A 156 -3.46 0.30 1.00
CA ILE A 156 -3.27 0.28 -0.43
C ILE A 156 -4.51 -0.25 -1.14
N VAL A 157 -5.41 0.65 -1.53
CA VAL A 157 -6.64 0.25 -2.23
C VAL A 157 -6.47 0.50 -3.74
N ALA A 158 -7.36 -0.07 -4.54
CA ALA A 158 -7.30 0.03 -6.00
C ALA A 158 -7.67 1.36 -6.65
N PRO A 159 -7.04 1.67 -7.80
CA PRO A 159 -7.30 2.92 -8.53
C PRO A 159 -8.30 2.72 -9.70
N MET A 160 -8.73 1.48 -9.88
CA MET A 160 -9.66 1.11 -10.94
C MET A 160 -10.10 -0.34 -10.69
N ALA A 161 -11.12 -0.78 -11.42
CA ALA A 161 -11.63 -2.14 -11.28
C ALA A 161 -11.02 -3.03 -12.35
N GLY A 162 -10.36 -4.11 -11.96
CA GLY A 162 -9.75 -5.01 -12.95
C GLY A 162 -9.36 -6.38 -12.42
N GLU A 163 -8.26 -6.94 -12.94
CA GLU A 163 -7.73 -8.23 -12.51
C GLU A 163 -6.30 -8.04 -12.04
N VAL A 164 -5.94 -8.73 -10.95
CA VAL A 164 -4.58 -8.67 -10.43
C VAL A 164 -3.66 -9.33 -11.47
N THR A 165 -3.06 -8.51 -12.32
CA THR A 165 -2.15 -8.99 -13.36
C THR A 165 -0.84 -9.53 -12.79
N GLN A 166 -0.26 -8.80 -11.83
CA GLN A 166 0.98 -9.22 -11.22
C GLN A 166 1.24 -8.55 -9.88
N ILE A 167 1.97 -9.27 -9.03
CA ILE A 167 2.33 -8.81 -7.69
C ILE A 167 3.86 -8.77 -7.59
N THR A 168 4.46 -7.62 -7.88
CA THR A 168 5.93 -7.51 -7.81
C THR A 168 6.40 -7.37 -6.35
N THR A 169 5.50 -6.96 -5.47
CA THR A 169 5.79 -6.79 -4.04
C THR A 169 4.88 -7.73 -3.24
N LEU A 170 5.50 -8.68 -2.56
CA LEU A 170 4.80 -9.69 -1.78
C LEU A 170 4.75 -9.41 -0.30
N GLN A 171 3.83 -10.10 0.38
CA GLN A 171 3.65 -9.99 1.82
C GLN A 171 4.92 -10.38 2.56
N GLY A 172 5.44 -9.44 3.36
CA GLY A 172 6.65 -9.69 4.12
C GLY A 172 7.77 -8.74 3.77
N GLN A 173 7.82 -8.32 2.50
CA GLN A 173 8.87 -7.41 2.02
C GLN A 173 8.71 -6.00 2.54
N THR A 174 9.83 -5.31 2.69
CA THR A 174 9.84 -3.94 3.19
C THR A 174 9.83 -2.95 2.05
N VAL A 175 9.06 -1.89 2.22
CA VAL A 175 8.91 -0.87 1.19
C VAL A 175 9.20 0.52 1.71
N ILE A 176 10.21 1.16 1.11
CA ILE A 176 10.59 2.51 1.51
C ILE A 176 10.47 3.37 0.27
N ALA A 177 9.58 4.36 0.31
CA ALA A 177 9.35 5.23 -0.83
C ALA A 177 10.12 6.55 -0.83
N ALA A 178 10.74 6.88 0.28
CA ALA A 178 11.50 8.13 0.40
C ALA A 178 11.94 8.79 -0.91
N GLN A 179 12.61 8.03 -1.78
CA GLN A 179 13.11 8.57 -3.03
C GLN A 179 12.79 7.73 -4.26
N GLN A 180 11.62 7.10 -4.27
CA GLN A 180 11.22 6.26 -5.42
C GLN A 180 9.92 5.53 -5.03
N ALA A 181 8.84 5.77 -5.75
CA ALA A 181 7.59 5.09 -5.38
C ALA A 181 7.68 3.63 -5.77
N PRO A 182 7.33 2.72 -4.84
CA PRO A 182 7.38 1.27 -5.05
C PRO A 182 6.33 0.77 -6.06
N ASN A 183 6.25 -0.54 -6.21
CA ASN A 183 5.30 -1.14 -7.13
C ASN A 183 4.80 -2.33 -6.38
N ILE A 184 3.59 -2.24 -5.85
CA ILE A 184 3.04 -3.34 -5.11
C ILE A 184 2.49 -4.36 -6.11
N LEU A 185 1.34 -4.06 -6.67
CA LEU A 185 0.81 -5.01 -7.63
C LEU A 185 0.26 -4.26 -8.84
N THR A 186 -0.16 -5.01 -9.84
CA THR A 186 -0.70 -4.41 -11.02
C THR A 186 -2.00 -5.05 -11.44
N LEU A 187 -2.97 -4.20 -11.72
CA LEU A 187 -4.27 -4.64 -12.14
C LEU A 187 -4.41 -4.35 -13.63
N ALA A 188 -5.49 -4.85 -14.23
CA ALA A 188 -5.73 -4.64 -15.64
C ALA A 188 -7.13 -5.12 -15.99
N ASP A 189 -7.84 -4.36 -16.83
CA ASP A 189 -9.19 -4.74 -17.25
C ASP A 189 -9.05 -5.58 -18.50
N MET A 190 -9.70 -6.74 -18.52
CA MET A 190 -9.61 -7.66 -19.65
C MET A 190 -10.89 -7.72 -20.50
N SER A 191 -12.01 -7.23 -19.95
CA SER A 191 -13.31 -7.20 -20.62
C SER A 191 -13.02 -6.84 -22.06
N ALA A 192 -12.97 -5.55 -22.33
CA ALA A 192 -12.62 -5.11 -23.66
C ALA A 192 -11.08 -5.06 -23.67
N MET A 193 -10.46 -5.65 -24.69
CA MET A 193 -9.00 -5.64 -24.81
C MET A 193 -8.60 -4.63 -25.89
N LEU A 194 -7.35 -4.71 -26.33
CA LEU A 194 -6.83 -3.82 -27.35
C LEU A 194 -5.90 -4.60 -28.29
N VAL A 195 -5.76 -4.14 -29.52
CA VAL A 195 -4.89 -4.81 -30.48
C VAL A 195 -3.95 -3.84 -31.20
N LYS A 196 -2.86 -3.46 -30.52
CA LYS A 196 -1.88 -2.56 -31.11
C LYS A 196 -1.27 -3.28 -32.35
N ALA A 197 -1.70 -2.86 -33.53
CA ALA A 197 -1.22 -3.47 -34.78
C ALA A 197 -0.01 -2.74 -35.35
N GLN A 198 0.97 -3.51 -35.83
CA GLN A 198 2.19 -2.94 -36.40
C GLN A 198 2.09 -2.72 -37.91
N VAL A 199 1.75 -1.50 -38.31
CA VAL A 199 1.64 -1.18 -39.72
C VAL A 199 2.73 -0.17 -40.09
N SER A 200 3.74 -0.63 -40.80
CA SER A 200 4.89 0.18 -41.21
C SER A 200 4.56 1.57 -41.77
N GLU A 201 5.54 2.46 -41.66
CA GLU A 201 5.47 3.86 -42.13
C GLU A 201 5.27 3.89 -43.64
N ALA A 202 5.80 2.89 -44.32
CA ALA A 202 5.68 2.80 -45.76
C ALA A 202 4.21 2.80 -46.16
N ASP A 203 3.32 2.58 -45.19
CA ASP A 203 1.90 2.55 -45.47
C ASP A 203 0.96 2.89 -44.31
N VAL A 204 1.28 3.94 -43.56
CA VAL A 204 0.43 4.33 -42.43
C VAL A 204 -0.52 5.45 -42.80
N ILE A 205 -0.10 6.33 -43.71
CA ILE A 205 -0.96 7.44 -44.09
C ILE A 205 -2.14 6.97 -44.93
N HIS A 206 -2.13 5.67 -45.23
CA HIS A 206 -3.21 5.05 -45.98
C HIS A 206 -4.15 4.42 -44.95
N LEU A 207 -3.62 4.23 -43.76
CA LEU A 207 -4.38 3.67 -42.67
C LEU A 207 -5.27 4.80 -42.10
N LYS A 208 -6.60 4.68 -42.22
CA LYS A 208 -7.53 5.71 -41.74
C LYS A 208 -8.55 5.23 -40.70
N PRO A 209 -8.73 5.98 -39.59
CA PRO A 209 -9.68 5.60 -38.53
C PRO A 209 -11.02 5.18 -39.10
N GLY A 210 -11.54 4.04 -38.64
CA GLY A 210 -12.83 3.57 -39.10
C GLY A 210 -12.81 2.50 -40.18
N GLN A 211 -11.62 1.99 -40.50
CA GLN A 211 -11.50 0.97 -41.52
C GLN A 211 -11.66 -0.43 -40.96
N LYS A 212 -12.16 -1.32 -41.81
CA LYS A 212 -12.43 -2.73 -41.51
C LYS A 212 -11.48 -3.35 -40.49
N ALA A 213 -10.74 -4.36 -40.93
CA ALA A 213 -9.77 -5.05 -40.09
C ALA A 213 -10.34 -6.21 -39.27
N TRP A 214 -9.64 -7.35 -39.35
CA TRP A 214 -9.99 -8.57 -38.62
C TRP A 214 -8.70 -9.33 -38.33
N PHE A 215 -8.76 -10.26 -37.38
CA PHE A 215 -7.57 -11.03 -36.99
C PHE A 215 -7.85 -12.41 -36.39
N THR A 216 -6.89 -13.32 -36.50
CA THR A 216 -7.02 -14.67 -35.96
C THR A 216 -6.34 -14.71 -34.57
N VAL A 217 -5.52 -15.71 -34.28
CA VAL A 217 -4.85 -15.83 -32.98
C VAL A 217 -3.92 -17.03 -32.85
N LEU A 218 -3.08 -17.29 -33.85
CA LEU A 218 -2.17 -18.45 -33.80
C LEU A 218 -2.93 -19.71 -33.36
N GLY A 219 -2.83 -20.11 -32.09
CA GLY A 219 -3.55 -21.29 -31.63
C GLY A 219 -5.03 -21.14 -31.91
N ASP A 220 -5.49 -21.79 -32.97
CA ASP A 220 -6.88 -21.73 -33.45
C ASP A 220 -6.97 -20.63 -34.49
N GLN A 221 -6.58 -20.97 -35.70
CA GLN A 221 -6.56 -20.06 -36.84
C GLN A 221 -7.80 -20.18 -37.74
N LEU A 222 -8.96 -19.91 -37.17
CA LEU A 222 -10.24 -19.96 -37.88
C LEU A 222 -11.39 -19.77 -36.88
N THR A 223 -11.53 -18.54 -36.42
CA THR A 223 -12.56 -18.14 -35.46
C THR A 223 -12.88 -16.67 -35.72
N ARG A 224 -11.90 -15.96 -36.24
CA ARG A 224 -12.00 -14.54 -36.59
C ARG A 224 -12.68 -13.56 -35.60
N TYR A 225 -12.03 -12.40 -35.45
CA TYR A 225 -12.49 -11.32 -34.60
C TYR A 225 -12.65 -10.07 -35.46
N GLU A 226 -13.87 -9.54 -35.53
CA GLU A 226 -14.12 -8.35 -36.33
C GLU A 226 -13.61 -7.16 -35.53
N GLY A 227 -13.77 -5.96 -36.07
CA GLY A 227 -13.33 -4.76 -35.39
C GLY A 227 -12.85 -3.66 -36.32
N GLN A 228 -13.38 -2.45 -36.15
CA GLN A 228 -12.99 -1.30 -36.96
C GLN A 228 -11.95 -0.54 -36.17
N ILE A 229 -10.90 -0.07 -36.84
CA ILE A 229 -9.88 0.69 -36.15
C ILE A 229 -10.54 1.95 -35.59
N LYS A 230 -9.96 2.50 -34.52
CA LYS A 230 -10.51 3.70 -33.90
C LYS A 230 -9.39 4.44 -33.19
N ASP A 231 -8.15 4.01 -33.43
CA ASP A 231 -6.98 4.60 -32.82
C ASP A 231 -5.74 4.45 -33.72
N VAL A 232 -4.71 5.25 -33.44
CA VAL A 232 -3.41 5.24 -34.13
C VAL A 232 -2.45 5.99 -33.23
N LEU A 233 -1.27 5.45 -32.96
CA LEU A 233 -0.33 6.14 -32.07
C LEU A 233 0.75 6.97 -32.76
N PRO A 234 0.74 8.29 -32.52
CA PRO A 234 1.71 9.20 -33.12
C PRO A 234 3.13 8.79 -32.82
N THR A 235 3.29 8.01 -31.76
CA THR A 235 4.60 7.55 -31.34
C THR A 235 4.90 6.15 -31.86
N PRO A 236 5.95 6.03 -32.69
CA PRO A 236 6.41 4.79 -33.31
C PRO A 236 7.35 3.98 -32.43
N GLU A 237 7.85 2.89 -33.00
CA GLU A 237 8.77 1.97 -32.34
C GLU A 237 9.58 1.30 -33.44
N LYS A 238 10.91 1.33 -33.30
CA LYS A 238 11.76 0.70 -34.31
C LYS A 238 11.85 -0.77 -34.02
N VAL A 239 11.88 -1.54 -35.10
CA VAL A 239 11.95 -3.00 -35.07
C VAL A 239 12.98 -3.45 -36.12
N ASN A 240 14.13 -3.93 -35.66
CA ASN A 240 15.24 -4.37 -36.51
C ASN A 240 15.92 -3.16 -37.11
N ASP A 241 15.45 -1.98 -36.72
CA ASP A 241 15.96 -0.70 -37.23
C ASP A 241 15.08 -0.30 -38.42
N ALA A 242 13.76 -0.44 -38.21
CA ALA A 242 12.71 -0.09 -39.16
C ALA A 242 11.50 0.40 -38.35
N ILE A 243 11.21 1.69 -38.47
CA ILE A 243 10.12 2.31 -37.73
C ILE A 243 8.69 1.91 -38.13
N PHE A 244 7.89 1.51 -37.15
CA PHE A 244 6.50 1.10 -37.38
C PHE A 244 5.54 2.09 -36.73
N TYR A 245 4.31 1.65 -36.52
CA TYR A 245 3.26 2.47 -35.90
C TYR A 245 2.12 1.55 -35.45
N TYR A 246 1.60 1.78 -34.26
CA TYR A 246 0.51 0.93 -33.82
C TYR A 246 -0.80 1.47 -34.38
N ALA A 247 -1.69 0.54 -34.70
CA ALA A 247 -3.00 0.89 -35.21
C ALA A 247 -3.90 0.16 -34.25
N ARG A 248 -5.01 0.79 -33.86
CA ARG A 248 -5.86 0.10 -32.91
C ARG A 248 -7.33 0.01 -33.24
N PHE A 249 -7.96 -0.98 -32.61
CA PHE A 249 -9.40 -1.23 -32.69
C PHE A 249 -9.82 -1.95 -31.42
N GLU A 250 -11.12 -2.02 -31.16
CA GLU A 250 -11.55 -2.68 -29.94
C GLU A 250 -12.28 -3.99 -30.19
N VAL A 251 -11.93 -4.98 -29.38
CA VAL A 251 -12.55 -6.30 -29.47
C VAL A 251 -12.93 -6.71 -28.04
N PRO A 252 -14.18 -7.14 -27.83
CA PRO A 252 -14.65 -7.56 -26.49
C PRO A 252 -14.16 -8.97 -26.12
N ASN A 253 -13.78 -9.16 -24.87
CA ASN A 253 -13.30 -10.44 -24.38
C ASN A 253 -14.14 -10.83 -23.16
N PRO A 254 -15.36 -11.29 -23.42
CA PRO A 254 -16.38 -11.72 -22.45
C PRO A 254 -15.98 -12.97 -21.67
N ASN A 255 -15.13 -13.77 -22.29
CA ASN A 255 -14.62 -15.02 -21.71
C ASN A 255 -13.13 -14.87 -21.37
N GLY A 256 -12.42 -15.99 -21.30
CA GLY A 256 -11.01 -15.98 -20.99
C GLY A 256 -10.23 -15.56 -22.22
N LEU A 257 -10.33 -16.36 -23.29
CA LEU A 257 -9.64 -16.14 -24.57
C LEU A 257 -8.96 -14.77 -24.70
N LEU A 258 -7.78 -14.75 -25.30
CA LEU A 258 -7.05 -13.49 -25.46
C LEU A 258 -6.42 -13.05 -24.15
N ARG A 259 -5.09 -13.00 -24.15
CA ARG A 259 -4.34 -12.59 -22.98
C ARG A 259 -3.36 -11.47 -23.31
N LEU A 260 -2.62 -11.00 -22.32
CA LEU A 260 -1.66 -9.93 -22.57
C LEU A 260 -0.52 -10.44 -23.44
N ASP A 261 -0.19 -9.67 -24.47
CA ASP A 261 0.89 -9.97 -25.43
C ASP A 261 0.73 -11.25 -26.25
N MET A 262 -0.53 -11.63 -26.41
CA MET A 262 -0.87 -12.79 -27.19
C MET A 262 -0.80 -12.26 -28.62
N THR A 263 0.04 -12.88 -29.45
CA THR A 263 0.20 -12.46 -30.83
C THR A 263 -1.07 -12.58 -31.67
N ALA A 264 -1.08 -11.87 -32.80
CA ALA A 264 -2.23 -11.90 -33.69
C ALA A 264 -1.87 -11.52 -35.13
N GLN A 265 -2.73 -11.94 -36.06
CA GLN A 265 -2.54 -11.66 -37.47
C GLN A 265 -3.62 -10.64 -37.79
N VAL A 266 -3.23 -9.40 -38.05
CA VAL A 266 -4.20 -8.36 -38.34
C VAL A 266 -4.40 -8.13 -39.84
N HIS A 267 -5.64 -7.82 -40.21
CA HIS A 267 -5.99 -7.56 -41.61
C HIS A 267 -6.66 -6.18 -41.65
N ILE A 268 -6.29 -5.33 -42.62
CA ILE A 268 -6.89 -3.99 -42.71
C ILE A 268 -7.23 -3.61 -44.14
N GLN A 269 -8.41 -3.02 -44.32
CA GLN A 269 -8.87 -2.59 -45.64
C GLN A 269 -8.81 -1.07 -45.78
N LEU A 270 -7.70 -0.57 -46.32
CA LEU A 270 -7.46 0.86 -46.52
C LEU A 270 -8.49 1.41 -47.49
N THR A 271 -8.40 0.94 -48.73
CA THR A 271 -9.31 1.35 -49.79
C THR A 271 -10.21 0.18 -50.18
N ASP A 272 -11.38 0.49 -50.74
CA ASP A 272 -12.32 -0.53 -51.19
C ASP A 272 -13.30 0.03 -52.21
N VAL A 273 -13.29 1.35 -52.41
CA VAL A 273 -14.19 1.96 -53.38
C VAL A 273 -14.21 1.10 -54.64
N LYS A 274 -15.41 0.74 -55.11
CA LYS A 274 -15.55 -0.11 -56.31
C LYS A 274 -16.17 0.52 -57.56
N ASN A 275 -15.56 0.25 -58.71
CA ASN A 275 -16.01 0.73 -60.01
C ASN A 275 -15.74 2.22 -60.33
N VAL A 276 -14.60 2.49 -60.97
CA VAL A 276 -14.21 3.85 -61.36
C VAL A 276 -13.15 3.81 -62.46
N LEU A 277 -12.58 2.63 -62.67
CA LEU A 277 -11.52 2.36 -63.65
C LEU A 277 -10.15 2.88 -63.22
N THR A 278 -9.22 1.95 -63.04
CA THR A 278 -7.86 2.30 -62.63
C THR A 278 -7.09 2.96 -63.79
N ARG B 12 -18.61 -42.11 -38.53
CA ARG B 12 -18.01 -43.21 -37.71
C ARG B 12 -17.61 -42.69 -36.32
N PRO B 13 -17.93 -43.46 -35.26
CA PRO B 13 -17.59 -43.08 -33.88
C PRO B 13 -16.08 -43.07 -33.62
N GLY B 14 -15.65 -42.18 -32.74
CA GLY B 14 -14.25 -42.09 -32.43
C GLY B 14 -14.03 -41.21 -31.23
N ASP B 15 -12.82 -40.69 -31.10
CA ASP B 15 -12.46 -39.81 -30.00
C ASP B 15 -11.32 -38.87 -30.36
N LEU B 16 -11.43 -37.63 -29.88
CA LEU B 16 -10.37 -36.67 -30.12
C LEU B 16 -9.81 -36.30 -28.77
N GLN B 17 -8.55 -35.91 -28.77
CA GLN B 17 -7.87 -35.51 -27.56
C GLN B 17 -6.46 -35.15 -27.97
N GLN B 18 -5.89 -34.14 -27.32
CA GLN B 18 -4.54 -33.71 -27.63
C GLN B 18 -3.70 -33.46 -26.38
N SER B 19 -2.50 -34.00 -26.38
CA SER B 19 -1.61 -33.81 -25.25
C SER B 19 -0.78 -32.56 -25.52
N VAL B 20 0.26 -32.39 -24.71
CA VAL B 20 1.14 -31.24 -24.85
C VAL B 20 2.22 -31.38 -23.78
N LEU B 21 3.46 -31.63 -24.21
CA LEU B 21 4.56 -31.76 -23.26
C LEU B 21 4.99 -30.33 -23.01
N ALA B 22 5.84 -30.10 -22.02
CA ALA B 22 6.28 -28.73 -21.75
C ALA B 22 7.42 -28.66 -20.76
N THR B 23 8.47 -27.97 -21.17
CA THR B 23 9.64 -27.81 -20.33
C THR B 23 9.34 -26.80 -19.24
N GLY B 24 8.76 -27.27 -18.14
CA GLY B 24 8.43 -26.38 -17.04
C GLY B 24 9.58 -26.18 -16.07
N LYS B 25 9.40 -25.26 -15.14
CA LYS B 25 10.41 -24.94 -14.13
C LYS B 25 9.80 -25.16 -12.74
N LEU B 26 10.64 -25.37 -11.73
CA LEU B 26 10.15 -25.62 -10.36
C LEU B 26 10.61 -24.60 -9.31
N ASP B 27 9.71 -24.19 -8.42
CA ASP B 27 10.12 -23.24 -7.38
C ASP B 27 9.22 -23.06 -6.14
N ALA B 28 9.78 -22.41 -5.13
CA ALA B 28 9.15 -22.17 -3.84
C ALA B 28 7.67 -21.84 -3.86
N LEU B 29 6.91 -22.56 -3.05
CA LEU B 29 5.46 -22.35 -2.93
C LEU B 29 5.27 -20.93 -2.46
N ARG B 30 6.16 -20.52 -1.55
CA ARG B 30 6.13 -19.19 -0.98
C ARG B 30 7.56 -18.71 -0.80
N LYS B 31 7.85 -17.51 -1.28
CA LYS B 31 9.18 -16.95 -1.13
C LYS B 31 8.94 -15.49 -0.85
N VAL B 32 9.85 -14.91 -0.07
CA VAL B 32 9.78 -13.49 0.32
C VAL B 32 11.19 -12.98 0.63
N ASP B 33 11.43 -11.70 0.33
CA ASP B 33 12.74 -11.12 0.63
C ASP B 33 12.57 -10.14 1.81
N VAL B 34 13.29 -10.41 2.90
CA VAL B 34 13.22 -9.61 4.13
C VAL B 34 14.30 -8.54 4.33
N GLY B 35 13.88 -7.29 4.44
CA GLY B 35 14.84 -6.20 4.64
C GLY B 35 14.72 -5.43 5.93
N ALA B 36 15.03 -4.15 5.88
CA ALA B 36 14.95 -3.35 7.09
C ALA B 36 14.52 -1.93 6.79
N GLN B 37 13.85 -1.32 7.76
CA GLN B 37 13.38 0.06 7.64
C GLN B 37 14.38 1.03 8.29
N VAL B 38 15.36 0.50 9.02
CA VAL B 38 16.36 1.33 9.73
C VAL B 38 17.80 1.12 9.25
N SER B 39 18.60 2.18 9.29
CA SER B 39 19.99 2.11 8.87
C SER B 39 20.83 1.49 9.98
N GLY B 40 22.10 1.86 10.03
CA GLY B 40 22.98 1.32 11.05
C GLY B 40 23.62 0.04 10.54
N GLN B 41 24.58 -0.48 11.30
CA GLN B 41 25.27 -1.69 10.90
C GLN B 41 24.62 -2.95 11.44
N LEU B 42 24.69 -4.01 10.64
CA LEU B 42 24.13 -5.30 11.01
C LEU B 42 25.09 -5.92 12.05
N LYS B 43 24.89 -5.58 13.34
CA LYS B 43 25.76 -6.11 14.41
C LYS B 43 25.70 -7.62 14.61
N THR B 44 24.49 -8.19 14.53
CA THR B 44 24.34 -9.63 14.72
C THR B 44 23.29 -10.28 13.80
N LEU B 45 23.67 -11.41 13.22
CA LEU B 45 22.81 -12.17 12.30
C LEU B 45 22.82 -13.65 12.70
N SER B 46 21.77 -14.09 13.40
CA SER B 46 21.63 -15.44 13.94
C SER B 46 21.25 -16.71 13.11
N VAL B 47 21.09 -16.60 11.80
CA VAL B 47 20.77 -17.80 11.02
C VAL B 47 21.79 -18.06 9.93
N ALA B 48 21.74 -19.28 9.39
CA ALA B 48 22.66 -19.68 8.34
C ALA B 48 21.91 -20.03 7.06
N ILE B 49 22.66 -20.05 5.97
CA ILE B 49 22.15 -20.35 4.64
C ILE B 49 21.39 -21.65 4.54
N GLY B 50 20.59 -22.00 5.53
CA GLY B 50 19.86 -23.25 5.43
C GLY B 50 19.21 -23.79 6.69
N ASP B 51 18.63 -22.91 7.49
CA ASP B 51 17.97 -23.34 8.71
C ASP B 51 16.49 -23.07 8.55
N LYS B 52 15.70 -23.94 9.15
CA LYS B 52 14.27 -23.75 9.13
C LYS B 52 14.07 -22.79 10.30
N VAL B 53 13.09 -21.89 10.17
CA VAL B 53 12.79 -20.93 11.23
C VAL B 53 11.31 -21.07 11.55
N LYS B 54 10.85 -20.44 12.62
CA LYS B 54 9.44 -20.49 12.94
C LYS B 54 9.01 -19.05 12.71
N LYS B 55 7.72 -18.77 12.50
CA LYS B 55 7.34 -17.39 12.26
C LYS B 55 7.73 -16.44 13.37
N ASP B 56 8.04 -15.20 12.99
CA ASP B 56 8.42 -14.17 13.93
C ASP B 56 9.77 -14.42 14.58
N GLN B 57 10.41 -15.53 14.21
CA GLN B 57 11.71 -15.85 14.79
C GLN B 57 12.70 -14.72 14.49
N LEU B 58 13.63 -14.48 15.42
CA LEU B 58 14.62 -13.43 15.19
C LEU B 58 15.81 -13.92 14.35
N LEU B 59 16.06 -13.22 13.24
CA LEU B 59 17.13 -13.55 12.28
C LEU B 59 18.39 -12.69 12.37
N GLY B 60 18.21 -11.42 12.74
CA GLY B 60 19.33 -10.50 12.85
C GLY B 60 18.97 -9.24 13.60
N VAL B 61 19.98 -8.52 14.06
CA VAL B 61 19.81 -7.28 14.82
C VAL B 61 20.67 -6.18 14.18
N ILE B 62 20.15 -4.96 14.09
CA ILE B 62 20.91 -3.84 13.54
C ILE B 62 21.33 -2.94 14.71
N ASP B 63 22.52 -2.37 14.62
CA ASP B 63 23.07 -1.49 15.66
C ASP B 63 22.06 -0.61 16.37
N PRO B 64 21.56 -1.03 17.55
CA PRO B 64 20.57 -0.20 18.26
C PRO B 64 20.97 0.91 19.23
N GLU B 65 22.24 0.99 19.61
CA GLU B 65 22.71 2.01 20.56
C GLU B 65 22.02 3.36 20.37
N GLN B 66 21.56 3.63 19.16
CA GLN B 66 20.91 4.89 18.88
C GLN B 66 19.50 4.98 19.45
N ALA B 67 18.61 4.08 19.04
CA ALA B 67 17.23 4.06 19.52
C ALA B 67 17.20 3.93 21.03
N GLU B 68 18.25 3.35 21.60
CA GLU B 68 18.34 3.21 23.05
C GLU B 68 18.53 4.61 23.58
N ASN B 69 19.27 5.41 22.83
CA ASN B 69 19.56 6.77 23.20
C ASN B 69 18.35 7.69 23.02
N GLN B 70 17.44 7.34 22.11
CA GLN B 70 16.24 8.16 21.93
C GLN B 70 15.29 7.92 23.08
N ILE B 71 15.15 6.65 23.46
CA ILE B 71 14.29 6.24 24.57
C ILE B 71 14.63 6.97 25.88
N LYS B 72 15.91 6.94 26.25
CA LYS B 72 16.39 7.57 27.46
C LYS B 72 16.11 9.06 27.45
N GLU B 73 16.08 9.62 26.25
CA GLU B 73 15.83 11.03 26.05
C GLU B 73 14.34 11.31 26.22
N VAL B 74 13.51 10.30 25.95
CA VAL B 74 12.06 10.46 26.07
C VAL B 74 11.54 10.07 27.44
N GLU B 75 12.12 9.04 28.04
CA GLU B 75 11.69 8.66 29.37
C GLU B 75 11.99 9.90 30.19
N ALA B 76 13.23 10.38 30.10
CA ALA B 76 13.68 11.57 30.80
C ALA B 76 12.61 12.66 30.70
N THR B 77 12.30 13.09 29.48
CA THR B 77 11.27 14.11 29.28
C THR B 77 10.01 13.86 30.12
N LEU B 78 9.56 12.60 30.17
CA LEU B 78 8.38 12.25 30.95
C LEU B 78 8.59 12.62 32.40
N MET B 79 9.79 12.31 32.88
CA MET B 79 10.15 12.62 34.24
C MET B 79 10.24 14.12 34.48
N GLU B 80 10.76 14.88 33.52
CA GLU B 80 10.81 16.34 33.69
C GLU B 80 9.38 16.86 33.88
N LEU B 81 8.43 16.24 33.19
CA LEU B 81 7.01 16.60 33.28
C LEU B 81 6.41 15.87 34.47
N ARG B 82 7.07 14.79 34.88
CA ARG B 82 6.64 13.99 36.01
C ARG B 82 6.76 14.82 37.29
N ALA B 83 7.81 15.64 37.37
CA ALA B 83 8.03 16.48 38.53
C ALA B 83 7.35 17.81 38.34
N GLN B 84 7.49 18.37 37.15
CA GLN B 84 6.89 19.65 36.79
C GLN B 84 5.38 19.65 37.02
N ARG B 85 4.82 18.47 37.33
CA ARG B 85 3.39 18.38 37.63
C ARG B 85 3.33 18.38 39.14
N GLN B 86 4.28 17.70 39.76
CA GLN B 86 4.36 17.61 41.22
C GLN B 86 4.31 19.03 41.82
N GLN B 87 4.78 20.00 41.04
CA GLN B 87 4.79 21.39 41.44
C GLN B 87 3.38 21.95 41.42
N ALA B 88 2.69 21.79 40.30
CA ALA B 88 1.32 22.28 40.16
C ALA B 88 0.34 21.51 41.02
N GLU B 89 0.83 20.45 41.65
CA GLU B 89 -0.01 19.63 42.52
C GLU B 89 0.02 20.23 43.92
N ALA B 90 0.99 21.11 44.16
CA ALA B 90 1.12 21.77 45.46
C ALA B 90 0.40 23.11 45.41
N GLU B 91 0.27 23.67 44.20
CA GLU B 91 -0.46 24.93 44.01
C GLU B 91 -1.91 24.56 44.15
N LEU B 92 -2.25 23.39 43.62
CA LEU B 92 -3.60 22.86 43.67
C LEU B 92 -4.12 22.84 45.10
N LYS B 93 -3.21 22.72 46.06
CA LYS B 93 -3.60 22.70 47.48
C LYS B 93 -3.65 24.08 48.13
N LEU B 94 -2.91 25.03 47.59
CA LEU B 94 -2.90 26.38 48.16
C LEU B 94 -4.20 27.11 47.81
N ALA B 95 -4.54 27.14 46.52
CA ALA B 95 -5.78 27.80 46.10
C ALA B 95 -7.00 27.02 46.57
N ARG B 96 -6.80 25.77 46.97
CA ARG B 96 -7.90 24.91 47.44
C ARG B 96 -8.22 25.19 48.90
N VAL B 97 -7.22 24.96 49.76
CA VAL B 97 -7.37 25.21 51.18
C VAL B 97 -7.79 26.66 51.43
N THR B 98 -7.16 27.62 50.75
CA THR B 98 -7.54 29.02 50.93
C THR B 98 -8.99 29.21 50.51
N TYR B 99 -9.34 28.70 49.34
CA TYR B 99 -10.70 28.83 48.89
C TYR B 99 -11.55 28.49 50.10
N SER B 100 -11.52 27.22 50.50
CA SER B 100 -12.26 26.77 51.65
C SER B 100 -12.15 27.82 52.75
N ARG B 101 -11.03 27.81 53.46
CA ARG B 101 -10.77 28.74 54.56
C ARG B 101 -11.29 30.17 54.34
N GLN B 102 -11.51 30.57 53.08
CA GLN B 102 -12.02 31.92 52.78
C GLN B 102 -13.53 31.91 52.54
N GLN B 103 -14.08 30.72 52.41
CA GLN B 103 -15.50 30.56 52.21
C GLN B 103 -16.09 30.64 53.61
N ARG B 104 -15.34 30.13 54.59
CA ARG B 104 -15.76 30.12 56.00
C ARG B 104 -15.76 31.54 56.56
N LEU B 105 -14.59 32.16 56.50
CA LEU B 105 -14.42 33.51 56.99
C LEU B 105 -15.38 34.39 56.23
N ALA B 106 -15.70 33.96 55.01
CA ALA B 106 -16.59 34.69 54.12
C ALA B 106 -18.01 34.81 54.63
N GLN B 107 -18.48 33.80 55.34
CA GLN B 107 -19.84 33.83 55.88
C GLN B 107 -19.96 34.90 56.98
N THR B 108 -18.82 35.31 57.50
CA THR B 108 -18.75 36.37 58.52
C THR B 108 -18.45 37.67 57.77
N GLN B 109 -18.11 37.51 56.49
CA GLN B 109 -17.81 38.60 55.56
C GLN B 109 -16.34 38.99 55.42
N ALA B 110 -15.56 38.06 54.87
CA ALA B 110 -14.14 38.26 54.66
C ALA B 110 -13.91 38.82 53.27
N VAL B 111 -13.08 39.86 53.18
CA VAL B 111 -12.73 40.53 51.93
C VAL B 111 -13.73 40.48 50.77
N SER B 112 -14.98 40.88 51.05
CA SER B 112 -16.06 40.93 50.07
C SER B 112 -16.42 39.57 49.49
N GLN B 113 -16.87 39.59 48.24
CA GLN B 113 -17.20 38.39 47.51
C GLN B 113 -16.24 38.38 46.33
N GLN B 114 -15.84 39.58 45.92
CA GLN B 114 -14.89 39.73 44.82
C GLN B 114 -13.77 38.74 45.07
N ASP B 115 -13.10 38.92 46.22
CA ASP B 115 -11.99 38.06 46.61
C ASP B 115 -12.39 36.59 46.73
N LEU B 116 -13.63 36.34 47.13
CA LEU B 116 -14.10 34.95 47.25
C LEU B 116 -14.06 34.30 45.88
N ASP B 117 -14.61 35.00 44.89
CA ASP B 117 -14.64 34.50 43.51
C ASP B 117 -13.19 34.40 43.04
N ASN B 118 -12.54 35.56 42.97
CA ASN B 118 -11.15 35.68 42.55
C ASN B 118 -10.31 34.47 42.98
N ALA B 119 -10.40 34.11 44.27
CA ALA B 119 -9.66 32.99 44.81
C ALA B 119 -10.30 31.63 44.50
N ALA B 120 -11.63 31.63 44.35
CA ALA B 120 -12.34 30.41 44.04
C ALA B 120 -12.03 30.03 42.61
N THR B 121 -11.93 31.04 41.74
CA THR B 121 -11.61 30.80 40.33
C THR B 121 -10.11 30.63 40.19
N GLU B 122 -9.39 30.77 41.30
CA GLU B 122 -7.94 30.59 41.34
C GLU B 122 -7.70 29.08 41.49
N MET B 123 -8.67 28.43 42.15
CA MET B 123 -8.64 27.00 42.37
C MET B 123 -9.08 26.34 41.08
N ALA B 124 -9.68 27.12 40.20
CA ALA B 124 -10.14 26.61 38.90
C ALA B 124 -9.03 26.74 37.86
N VAL B 125 -8.26 27.81 37.92
CA VAL B 125 -7.18 27.98 36.97
C VAL B 125 -6.16 26.91 37.28
N LYS B 126 -5.74 26.87 38.54
CA LYS B 126 -4.76 25.89 38.97
C LYS B 126 -5.21 24.46 38.65
N GLN B 127 -6.52 24.24 38.59
CA GLN B 127 -7.10 22.93 38.29
C GLN B 127 -6.90 22.55 36.83
N ALA B 128 -6.87 23.55 35.97
CA ALA B 128 -6.68 23.33 34.54
C ALA B 128 -5.21 23.16 34.25
N GLN B 129 -4.38 23.76 35.09
CA GLN B 129 -2.94 23.67 34.92
C GLN B 129 -2.50 22.21 34.97
N ILE B 130 -3.14 21.45 35.85
CA ILE B 130 -2.82 20.03 36.00
C ILE B 130 -3.12 19.27 34.71
N GLY B 131 -4.30 19.51 34.14
CA GLY B 131 -4.69 18.86 32.90
C GLY B 131 -3.76 19.27 31.77
N THR B 132 -3.43 20.56 31.72
CA THR B 132 -2.52 21.03 30.70
C THR B 132 -1.30 20.14 30.80
N ILE B 133 -1.03 19.62 32.00
CA ILE B 133 0.13 18.75 32.18
C ILE B 133 -0.16 17.28 31.86
N ASP B 134 -1.16 16.70 32.53
CA ASP B 134 -1.53 15.30 32.33
C ASP B 134 -1.54 14.98 30.84
N ALA B 135 -1.95 15.95 30.03
CA ALA B 135 -2.00 15.79 28.59
C ALA B 135 -0.60 15.81 28.00
N GLN B 136 0.26 16.63 28.61
CA GLN B 136 1.66 16.74 28.17
C GLN B 136 2.26 15.34 28.21
N ILE B 137 2.07 14.69 29.35
CA ILE B 137 2.57 13.35 29.55
C ILE B 137 2.01 12.44 28.49
N LYS B 138 0.70 12.21 28.55
CA LYS B 138 0.01 11.34 27.60
C LYS B 138 0.58 11.49 26.19
N ARG B 139 0.80 12.73 25.75
CA ARG B 139 1.35 12.95 24.42
C ARG B 139 2.69 12.22 24.38
N ASN B 140 3.62 12.69 25.21
CA ASN B 140 4.93 12.07 25.23
C ASN B 140 4.90 10.60 25.62
N GLN B 141 3.79 10.15 26.21
CA GLN B 141 3.68 8.74 26.55
C GLN B 141 3.45 8.04 25.23
N ALA B 142 2.98 8.81 24.26
CA ALA B 142 2.69 8.32 22.91
C ALA B 142 3.91 8.53 22.03
N SER B 143 4.85 9.33 22.49
CA SER B 143 6.07 9.55 21.73
C SER B 143 6.98 8.38 22.08
N LEU B 144 6.86 7.95 23.33
CA LEU B 144 7.62 6.83 23.85
C LEU B 144 7.36 5.57 23.01
N ASP B 145 6.12 5.39 22.58
CA ASP B 145 5.74 4.24 21.77
C ASP B 145 6.44 4.39 20.44
N THR B 146 6.50 5.63 19.99
CA THR B 146 7.13 5.91 18.72
C THR B 146 8.64 5.68 18.85
N ALA B 147 9.19 5.82 20.06
CA ALA B 147 10.61 5.59 20.30
C ALA B 147 10.84 4.12 20.53
N LYS B 148 9.87 3.49 21.19
CA LYS B 148 9.92 2.06 21.48
C LYS B 148 9.79 1.31 20.17
N THR B 149 8.81 1.72 19.36
CA THR B 149 8.52 1.11 18.06
C THR B 149 9.72 1.00 17.11
N ASN B 150 10.57 2.01 17.07
CA ASN B 150 11.73 1.94 16.22
C ASN B 150 12.73 0.96 16.77
N LEU B 151 12.63 0.64 18.05
CA LEU B 151 13.55 -0.31 18.63
C LEU B 151 13.23 -1.71 18.11
N ASP B 152 12.03 -1.88 17.58
CA ASP B 152 11.57 -3.16 17.00
C ASP B 152 12.17 -3.28 15.61
N TYR B 153 12.21 -2.14 14.91
CA TYR B 153 12.77 -2.09 13.57
C TYR B 153 14.28 -2.32 13.50
N THR B 154 14.92 -2.67 14.62
CA THR B 154 16.37 -2.92 14.60
C THR B 154 16.62 -4.42 14.52
N ARG B 155 15.71 -5.17 15.14
CA ARG B 155 15.77 -6.63 15.14
C ARG B 155 14.94 -7.16 13.97
N ILE B 156 15.59 -7.98 13.15
CA ILE B 156 14.98 -8.57 11.97
C ILE B 156 14.34 -9.93 12.32
N VAL B 157 13.02 -10.04 12.14
CA VAL B 157 12.33 -11.30 12.43
C VAL B 157 11.68 -11.90 11.20
N ALA B 158 11.72 -13.23 11.11
CA ALA B 158 11.17 -13.97 9.98
C ALA B 158 9.65 -13.81 9.84
N PRO B 159 9.19 -13.12 8.77
CA PRO B 159 7.77 -12.88 8.50
C PRO B 159 6.94 -14.11 8.11
N MET B 160 7.63 -15.20 7.77
CA MET B 160 6.94 -16.43 7.36
C MET B 160 7.86 -17.56 7.69
N ALA B 161 7.31 -18.76 7.81
CA ALA B 161 8.13 -19.92 8.15
C ALA B 161 8.67 -20.63 6.91
N GLY B 162 9.96 -20.92 6.92
CA GLY B 162 10.59 -21.61 5.79
C GLY B 162 12.09 -21.80 6.01
N GLU B 163 12.84 -21.86 4.91
CA GLU B 163 14.28 -22.02 5.02
C GLU B 163 15.03 -21.02 4.14
N VAL B 164 16.02 -20.36 4.75
CA VAL B 164 16.84 -19.35 4.08
C VAL B 164 17.48 -19.80 2.76
N THR B 165 16.83 -19.38 1.68
CA THR B 165 17.25 -19.70 0.32
C THR B 165 18.49 -18.88 -0.06
N GLN B 166 18.83 -17.89 0.77
CA GLN B 166 20.00 -17.03 0.53
C GLN B 166 20.26 -15.96 1.61
N ILE B 167 21.48 -15.41 1.59
CA ILE B 167 21.86 -14.35 2.53
C ILE B 167 22.62 -13.27 1.79
N THR B 168 21.90 -12.21 1.44
CA THR B 168 22.43 -11.06 0.72
C THR B 168 23.30 -10.15 1.57
N THR B 169 22.71 -9.58 2.62
CA THR B 169 23.41 -8.69 3.56
C THR B 169 24.07 -9.52 4.67
N LEU B 170 25.40 -9.60 4.63
CA LEU B 170 26.19 -10.38 5.56
C LEU B 170 26.27 -9.78 6.97
N GLN B 171 27.01 -10.41 7.88
CA GLN B 171 27.15 -9.91 9.25
C GLN B 171 28.37 -9.06 9.42
N GLY B 172 28.13 -7.75 9.45
CA GLY B 172 29.21 -6.78 9.59
C GLY B 172 28.96 -5.71 8.57
N GLN B 173 28.47 -6.14 7.41
CA GLN B 173 28.16 -5.19 6.35
C GLN B 173 27.27 -4.12 6.97
N THR B 174 27.27 -2.94 6.35
CA THR B 174 26.50 -1.82 6.82
C THR B 174 25.45 -1.36 5.82
N VAL B 175 24.22 -1.35 6.29
CA VAL B 175 23.05 -0.96 5.51
C VAL B 175 22.54 0.45 5.81
N ILE B 176 22.01 1.08 4.77
CA ILE B 176 21.42 2.40 4.87
C ILE B 176 20.04 2.28 4.20
N ALA B 177 18.97 2.44 4.97
CA ALA B 177 17.62 2.27 4.42
C ALA B 177 16.91 3.47 3.81
N ALA B 178 17.52 4.65 3.91
CA ALA B 178 16.93 5.88 3.40
C ALA B 178 16.49 5.87 1.92
N GLN B 179 17.16 5.11 1.07
CA GLN B 179 16.78 5.08 -0.34
C GLN B 179 16.05 3.80 -0.65
N GLN B 180 16.83 2.75 -0.84
CA GLN B 180 16.35 1.39 -1.15
C GLN B 180 16.37 0.52 0.09
N ALA B 181 15.25 -0.08 0.46
CA ALA B 181 15.27 -0.93 1.63
C ALA B 181 16.26 -2.04 1.33
N PRO B 182 17.17 -2.32 2.25
CA PRO B 182 18.16 -3.38 2.02
C PRO B 182 17.56 -4.76 1.81
N ASN B 183 18.42 -5.76 1.82
CA ASN B 183 18.00 -7.13 1.60
C ASN B 183 18.87 -8.00 2.46
N ILE B 184 18.32 -8.56 3.53
CA ILE B 184 19.12 -9.40 4.42
C ILE B 184 19.19 -10.88 4.02
N LEU B 185 18.08 -11.59 4.13
CA LEU B 185 18.07 -13.01 3.75
C LEU B 185 16.71 -13.48 3.30
N THR B 186 16.63 -13.93 2.04
CA THR B 186 15.37 -14.41 1.50
C THR B 186 14.97 -15.72 2.20
N LEU B 187 13.70 -15.83 2.58
CA LEU B 187 13.20 -17.07 3.20
C LEU B 187 12.41 -17.79 2.12
N ALA B 188 12.03 -19.05 2.36
CA ALA B 188 11.25 -19.79 1.38
C ALA B 188 10.56 -21.03 1.92
N ASP B 189 9.24 -21.05 1.85
CA ASP B 189 8.44 -22.19 2.28
C ASP B 189 8.60 -23.22 1.16
N MET B 190 9.29 -24.31 1.45
CA MET B 190 9.53 -25.35 0.44
C MET B 190 8.63 -26.55 0.66
N SER B 191 7.76 -26.44 1.66
CA SER B 191 6.81 -27.49 2.02
C SER B 191 6.23 -28.10 0.74
N ALA B 192 5.66 -27.23 -0.08
CA ALA B 192 5.10 -27.61 -1.35
C ALA B 192 5.94 -26.84 -2.38
N MET B 193 5.84 -27.22 -3.64
CA MET B 193 6.60 -26.55 -4.70
C MET B 193 5.73 -26.35 -5.93
N LEU B 194 5.55 -25.10 -6.35
CA LEU B 194 4.75 -24.87 -7.55
C LEU B 194 5.65 -25.22 -8.74
N VAL B 195 5.08 -25.76 -9.82
CA VAL B 195 5.90 -26.01 -11.00
C VAL B 195 5.23 -25.25 -12.15
N LYS B 196 5.94 -24.24 -12.64
CA LYS B 196 5.46 -23.37 -13.71
C LYS B 196 5.71 -23.98 -15.08
N ALA B 197 4.79 -24.81 -15.55
CA ALA B 197 4.95 -25.42 -16.85
C ALA B 197 4.83 -24.31 -17.88
N GLN B 198 5.88 -24.06 -18.67
CA GLN B 198 5.78 -22.99 -19.66
C GLN B 198 5.22 -23.49 -20.96
N VAL B 199 3.93 -23.27 -21.11
CA VAL B 199 3.21 -23.70 -22.29
C VAL B 199 3.18 -22.59 -23.33
N SER B 200 2.95 -22.97 -24.58
CA SER B 200 2.89 -22.03 -25.70
C SER B 200 1.60 -21.21 -25.78
N GLU B 201 1.70 -19.99 -26.30
CA GLU B 201 0.54 -19.12 -26.45
C GLU B 201 -0.41 -19.68 -27.49
N ALA B 202 -0.03 -20.80 -28.11
CA ALA B 202 -0.85 -21.43 -29.12
C ALA B 202 -1.61 -22.61 -28.52
N ASP B 203 -1.28 -22.91 -27.27
CA ASP B 203 -1.92 -23.99 -26.54
C ASP B 203 -2.67 -23.37 -25.36
N VAL B 204 -2.18 -22.21 -24.92
CA VAL B 204 -2.78 -21.51 -23.79
C VAL B 204 -4.28 -21.38 -24.02
N ILE B 205 -4.64 -21.28 -25.30
CA ILE B 205 -6.04 -21.17 -25.72
C ILE B 205 -6.88 -22.17 -24.94
N HIS B 206 -6.36 -23.39 -24.82
CA HIS B 206 -7.02 -24.47 -24.08
C HIS B 206 -6.45 -24.47 -22.65
N LEU B 207 -6.33 -25.64 -22.05
CA LEU B 207 -5.78 -25.70 -20.70
C LEU B 207 -6.75 -25.02 -19.74
N LYS B 208 -7.48 -25.82 -18.97
CA LYS B 208 -8.46 -25.30 -18.01
C LYS B 208 -8.12 -25.76 -16.61
N PRO B 209 -8.32 -24.89 -15.60
CA PRO B 209 -8.03 -25.22 -14.21
C PRO B 209 -8.28 -26.70 -13.92
N GLY B 210 -7.47 -27.28 -13.02
CA GLY B 210 -7.61 -28.69 -12.67
C GLY B 210 -7.68 -29.57 -13.91
N GLN B 211 -6.55 -29.88 -14.50
CA GLN B 211 -6.57 -30.68 -15.72
C GLN B 211 -5.66 -31.90 -15.80
N LYS B 212 -5.15 -32.37 -14.67
CA LYS B 212 -4.29 -33.56 -14.61
C LYS B 212 -3.04 -33.50 -15.49
N ALA B 213 -1.89 -33.61 -14.87
CA ALA B 213 -0.64 -33.56 -15.61
C ALA B 213 0.45 -34.25 -14.82
N TRP B 214 1.45 -34.76 -15.53
CA TRP B 214 2.58 -35.45 -14.92
C TRP B 214 3.93 -34.87 -15.38
N PHE B 215 4.98 -35.10 -14.59
CA PHE B 215 6.31 -34.60 -14.92
C PHE B 215 7.39 -35.30 -14.09
N THR B 216 8.64 -35.23 -14.56
CA THR B 216 9.77 -35.83 -13.86
C THR B 216 10.98 -34.91 -13.96
N VAL B 217 11.95 -35.06 -13.06
CA VAL B 217 13.16 -34.23 -13.10
C VAL B 217 14.23 -34.91 -13.95
N LEU B 218 15.13 -34.13 -14.54
CA LEU B 218 16.18 -34.69 -15.41
C LEU B 218 17.06 -35.76 -14.73
N GLY B 219 17.16 -35.71 -13.42
CA GLY B 219 18.01 -36.68 -12.75
C GLY B 219 17.29 -37.81 -12.03
N ASP B 220 15.96 -37.85 -12.08
CA ASP B 220 15.21 -38.89 -11.38
C ASP B 220 14.75 -40.02 -12.28
N GLN B 221 15.12 -39.96 -13.55
CA GLN B 221 14.76 -40.99 -14.53
C GLN B 221 13.27 -41.28 -14.67
N LEU B 222 12.77 -42.14 -13.78
CA LEU B 222 11.36 -42.52 -13.75
C LEU B 222 10.90 -42.71 -12.29
N THR B 223 10.18 -41.71 -11.80
CA THR B 223 9.63 -41.68 -10.46
C THR B 223 8.52 -40.65 -10.58
N ARG B 224 7.98 -40.58 -11.79
CA ARG B 224 6.87 -39.69 -12.18
C ARG B 224 6.12 -39.04 -11.02
N TYR B 225 5.90 -37.73 -11.14
CA TYR B 225 5.14 -36.98 -10.14
C TYR B 225 3.91 -36.49 -10.90
N GLU B 226 2.83 -36.15 -10.18
CA GLU B 226 1.63 -35.69 -10.87
C GLU B 226 0.49 -35.17 -10.02
N GLY B 227 -0.34 -34.34 -10.65
CA GLY B 227 -1.49 -33.75 -10.00
C GLY B 227 -2.33 -33.07 -11.05
N GLN B 228 -2.90 -31.93 -10.72
CA GLN B 228 -3.74 -31.15 -11.63
C GLN B 228 -3.17 -29.74 -11.69
N ILE B 229 -3.55 -28.95 -12.70
CA ILE B 229 -3.05 -27.59 -12.77
C ILE B 229 -4.00 -26.75 -11.93
N LYS B 230 -3.48 -25.65 -11.38
CA LYS B 230 -4.23 -24.74 -10.50
C LYS B 230 -4.67 -23.42 -11.15
N ASP B 231 -3.90 -22.96 -12.14
CA ASP B 231 -4.24 -21.72 -12.82
C ASP B 231 -3.22 -21.42 -13.91
N VAL B 232 -3.21 -20.16 -14.33
CA VAL B 232 -2.27 -19.66 -15.33
C VAL B 232 -1.95 -18.26 -14.82
N LEU B 233 -0.88 -17.64 -15.32
CA LEU B 233 -0.57 -16.29 -14.90
C LEU B 233 -0.92 -15.38 -16.10
N PRO B 234 -1.81 -14.40 -15.89
CA PRO B 234 -2.25 -13.46 -16.94
C PRO B 234 -1.12 -12.76 -17.66
N THR B 235 0.01 -12.63 -16.97
CA THR B 235 1.20 -12.00 -17.50
C THR B 235 2.19 -13.09 -17.96
N PRO B 236 2.28 -13.32 -19.28
CA PRO B 236 3.18 -14.32 -19.84
C PRO B 236 4.58 -13.73 -19.89
N GLU B 237 5.43 -14.33 -20.72
CA GLU B 237 6.78 -13.84 -20.91
C GLU B 237 7.49 -14.53 -22.06
N LYS B 238 8.09 -13.72 -22.93
CA LYS B 238 8.77 -14.23 -24.10
C LYS B 238 10.20 -14.68 -23.89
N VAL B 239 10.51 -15.82 -24.50
CA VAL B 239 11.82 -16.45 -24.45
C VAL B 239 12.50 -16.14 -25.81
N ASN B 240 12.73 -14.84 -26.04
CA ASN B 240 13.31 -14.25 -27.26
C ASN B 240 12.24 -14.25 -28.37
N ASP B 241 11.67 -15.43 -28.63
CA ASP B 241 10.62 -15.59 -29.62
C ASP B 241 9.54 -16.41 -28.92
N ALA B 242 8.39 -16.57 -29.56
CA ALA B 242 7.30 -17.34 -28.95
C ALA B 242 6.86 -16.82 -27.57
N ILE B 243 5.58 -16.48 -27.45
CA ILE B 243 5.01 -15.99 -26.20
C ILE B 243 4.56 -17.19 -25.39
N PHE B 244 5.12 -17.32 -24.19
CA PHE B 244 4.80 -18.43 -23.30
C PHE B 244 4.07 -17.97 -22.07
N TYR B 245 3.25 -18.86 -21.52
CA TYR B 245 2.52 -18.58 -20.29
C TYR B 245 2.98 -19.61 -19.27
N TYR B 246 2.46 -19.50 -18.05
CA TYR B 246 2.82 -20.42 -17.00
C TYR B 246 1.62 -21.15 -16.39
N ALA B 247 1.55 -22.48 -16.54
CA ALA B 247 0.46 -23.27 -15.96
C ALA B 247 1.04 -23.87 -14.67
N ARG B 248 0.56 -23.40 -13.52
CA ARG B 248 1.11 -23.83 -12.23
C ARG B 248 0.80 -25.22 -11.65
N PHE B 249 1.55 -25.60 -10.61
CA PHE B 249 1.41 -26.90 -9.93
C PHE B 249 1.46 -26.87 -8.41
N GLU B 250 0.95 -27.92 -7.79
CA GLU B 250 0.94 -28.03 -6.34
C GLU B 250 1.26 -29.46 -5.93
N VAL B 251 2.54 -29.77 -5.79
CA VAL B 251 2.97 -31.11 -5.40
C VAL B 251 3.76 -31.09 -4.09
N PRO B 252 3.57 -32.09 -3.24
CA PRO B 252 4.32 -32.10 -1.98
C PRO B 252 5.82 -32.26 -2.27
N ASN B 253 6.67 -31.66 -1.44
CA ASN B 253 8.12 -31.78 -1.62
C ASN B 253 8.83 -32.33 -0.39
N PRO B 254 8.29 -33.41 0.21
CA PRO B 254 8.98 -33.95 1.39
C PRO B 254 10.33 -34.49 0.95
N ASN B 255 10.95 -35.29 1.82
CA ASN B 255 12.24 -35.89 1.54
C ASN B 255 13.26 -34.96 0.86
N GLY B 256 13.24 -33.69 1.23
CA GLY B 256 14.19 -32.73 0.68
C GLY B 256 14.16 -32.40 -0.80
N LEU B 257 14.08 -33.41 -1.67
CA LEU B 257 14.05 -33.21 -3.12
C LEU B 257 13.42 -31.92 -3.62
N LEU B 258 13.47 -31.76 -4.94
CA LEU B 258 12.90 -30.58 -5.59
C LEU B 258 13.53 -29.30 -5.05
N ARG B 259 14.61 -28.87 -5.71
CA ARG B 259 15.35 -27.66 -5.36
C ARG B 259 14.88 -26.53 -6.29
N LEU B 260 15.19 -25.29 -5.94
CA LEU B 260 14.75 -24.16 -6.75
C LEU B 260 15.25 -24.20 -8.19
N ASP B 261 14.41 -23.67 -9.07
CA ASP B 261 14.69 -23.60 -10.49
C ASP B 261 15.17 -24.89 -11.12
N MET B 262 14.94 -26.00 -10.41
CA MET B 262 15.27 -27.35 -10.89
C MET B 262 14.39 -27.56 -12.12
N THR B 263 14.94 -28.11 -13.20
CA THR B 263 14.15 -28.33 -14.42
C THR B 263 13.20 -29.51 -14.35
N ALA B 264 12.11 -29.45 -15.12
CA ALA B 264 11.13 -30.55 -15.12
C ALA B 264 10.45 -30.72 -16.47
N GLN B 265 10.30 -31.96 -16.89
CA GLN B 265 9.66 -32.27 -18.15
C GLN B 265 8.18 -32.55 -17.88
N VAL B 266 7.36 -31.55 -18.18
CA VAL B 266 5.93 -31.64 -17.97
C VAL B 266 5.12 -32.08 -19.20
N HIS B 267 4.00 -32.72 -18.92
CA HIS B 267 3.08 -33.18 -19.95
C HIS B 267 1.74 -32.77 -19.37
N ILE B 268 0.90 -32.11 -20.14
CA ILE B 268 -0.42 -31.75 -19.64
C ILE B 268 -1.39 -32.51 -20.54
N GLN B 269 -2.59 -32.81 -20.05
CA GLN B 269 -3.58 -33.54 -20.85
C GLN B 269 -4.77 -32.69 -21.28
N LEU B 270 -4.59 -31.84 -22.28
CA LEU B 270 -5.67 -30.97 -22.73
C LEU B 270 -7.08 -31.50 -22.57
N THR B 271 -7.43 -32.56 -23.27
CA THR B 271 -8.78 -33.09 -23.15
C THR B 271 -8.86 -34.55 -23.58
N ASP B 272 -9.95 -35.22 -23.22
CA ASP B 272 -10.11 -36.59 -23.63
C ASP B 272 -11.55 -37.03 -23.62
N VAL B 273 -12.37 -36.38 -24.44
CA VAL B 273 -13.76 -36.77 -24.57
C VAL B 273 -13.66 -37.96 -25.51
N LYS B 274 -13.99 -39.14 -25.00
CA LYS B 274 -13.92 -40.34 -25.81
C LYS B 274 -15.32 -40.88 -26.11
N ASN B 275 -15.37 -41.79 -27.09
CA ASN B 275 -16.62 -42.41 -27.52
C ASN B 275 -17.74 -41.39 -27.76
N VAL B 276 -17.80 -40.87 -28.99
CA VAL B 276 -18.81 -39.89 -29.38
C VAL B 276 -18.56 -39.33 -30.80
N LEU B 277 -19.61 -38.75 -31.39
CA LEU B 277 -19.53 -38.18 -32.74
C LEU B 277 -18.38 -37.17 -32.88
N THR B 278 -17.32 -37.55 -33.58
CA THR B 278 -16.20 -36.62 -33.76
C THR B 278 -16.04 -36.16 -35.21
#